data_4RYA
#
_entry.id   4RYA
#
_cell.length_a   59.413
_cell.length_b   61.256
_cell.length_c   65.501
_cell.angle_alpha   90.00
_cell.angle_beta   104.01
_cell.angle_gamma   90.00
#
_symmetry.space_group_name_H-M   'P 1 21 1'
#
loop_
_entity.id
_entity.type
_entity.pdbx_description
1 polymer 'ABC transporter substrate binding protein (Sorbitol)'
2 non-polymer D-MANNITOL
3 non-polymer 'ACETATE ION'
4 water water
#
_entity_poly.entity_id   1
_entity_poly.type   'polypeptide(L)'
_entity_poly.pdbx_seq_one_letter_code
;SMGVTSAETLTIATVNNGDMIRMQKLTDDFTKKNPGIDVKWVTLEENVLRQKVTTDVATKGGQYDVMTIGIYEAPIWGKQ
GWLAPLDKLSADKDYDAADLLPPVRSGLTVDGKLYAAPFYAESSMVMYRKDLFEKAGLKMPEAPTWDFIKEAADKITDKS
KEVYGICLRGKAGWGENIAFLSAMSNSFGARWFDEQWKPQFDQPEWKKTLQFYVDLMKKNGPPGASSNGFNENLALFQTG
KCGMWIDATVAASFVTNPKESKVADQVGFALAPDNGLGKRGNWLWSWNLAIPAGSKKVEAAEKFIAWATSKDYLKLVAEK
DGWANVPPGTRTSLYANADYQKAAPFAKMTLDSINSADPKHPTVKPVPYEGVQYVAIPEFQGIGTAVGQQFSAALAGQTT
VDQALKTAQTLTEREMKKAGYPKK
;
_entity_poly.pdbx_strand_id   A
#
# COMPACT_ATOMS: atom_id res chain seq x y z
N ALA A 7 -14.43 26.96 -16.99
CA ALA A 7 -14.20 28.04 -15.95
C ALA A 7 -13.02 27.80 -14.98
N GLU A 8 -12.96 26.60 -14.39
CA GLU A 8 -11.86 26.20 -13.47
C GLU A 8 -11.24 24.93 -14.02
N THR A 9 -9.92 24.80 -13.94
CA THR A 9 -9.27 23.53 -14.33
C THR A 9 -8.39 23.08 -13.17
N LEU A 10 -8.61 21.85 -12.75
CA LEU A 10 -7.82 21.27 -11.66
C LEU A 10 -6.69 20.44 -12.22
N THR A 11 -5.48 20.71 -11.75
CA THR A 11 -4.32 19.85 -11.99
C THR A 11 -4.16 18.90 -10.83
N ILE A 12 -4.26 17.61 -11.15
CA ILE A 12 -4.26 16.55 -10.12
C ILE A 12 -3.04 15.66 -10.25
N ALA A 13 -2.24 15.56 -9.18
CA ALA A 13 -1.09 14.66 -9.11
C ALA A 13 -1.54 13.31 -8.56
N THR A 14 -1.22 12.23 -9.29
CA THR A 14 -1.62 10.90 -8.85
C THR A 14 -0.60 9.86 -9.21
N VAL A 15 -0.82 8.67 -8.64
CA VAL A 15 0.02 7.51 -8.85
C VAL A 15 -0.53 6.71 -10.07
N ASN A 16 0.41 6.08 -10.77
CA ASN A 16 0.09 5.21 -11.92
C ASN A 16 -0.41 3.82 -11.55
N ASN A 17 -1.32 3.75 -10.57
CA ASN A 17 -1.95 2.49 -10.24
C ASN A 17 -3.26 2.29 -10.98
N GLY A 18 -3.64 1.04 -11.20
CA GLY A 18 -4.80 0.71 -12.00
C GLY A 18 -6.09 1.42 -11.64
N ASP A 19 -6.39 1.61 -10.35
CA ASP A 19 -7.68 2.23 -10.03
C ASP A 19 -7.65 3.70 -10.41
N MET A 20 -6.47 4.30 -10.40
CA MET A 20 -6.36 5.71 -10.81
C MET A 20 -6.43 5.86 -12.33
N ILE A 21 -5.77 4.95 -13.05
CA ILE A 21 -5.84 4.92 -14.53
C ILE A 21 -7.30 4.76 -14.96
N ARG A 22 -8.03 3.93 -14.23
CA ARG A 22 -9.48 3.75 -14.44
C ARG A 22 -10.28 5.04 -14.17
N MET A 23 -10.02 5.70 -13.05
CA MET A 23 -10.65 7.01 -12.76
C MET A 23 -10.44 8.06 -13.89
N GLN A 24 -9.23 8.09 -14.43
CA GLN A 24 -8.90 8.98 -15.54
C GLN A 24 -9.78 8.77 -16.75
N LYS A 25 -10.29 7.55 -16.93
CA LYS A 25 -11.23 7.29 -18.02
C LYS A 25 -12.69 7.64 -17.74
N LEU A 26 -12.98 8.04 -16.50
CA LEU A 26 -14.37 8.23 -16.06
C LEU A 26 -14.73 9.65 -15.66
N THR A 27 -13.79 10.58 -15.84
CA THR A 27 -14.03 11.96 -15.41
C THR A 27 -15.08 12.74 -16.22
N ASP A 28 -15.49 12.23 -17.39
CA ASP A 28 -16.64 12.84 -18.09
C ASP A 28 -17.84 12.88 -17.15
N ASP A 29 -17.96 11.90 -16.25
CA ASP A 29 -19.10 11.89 -15.34
C ASP A 29 -19.01 13.10 -14.39
N PHE A 30 -17.80 13.36 -13.91
CA PHE A 30 -17.54 14.52 -13.06
C PHE A 30 -17.87 15.84 -13.80
N THR A 31 -17.38 16.00 -15.01
CA THR A 31 -17.59 17.25 -15.74
C THR A 31 -19.04 17.41 -16.19
N LYS A 32 -19.72 16.31 -16.45
CA LYS A 32 -21.17 16.41 -16.78
C LYS A 32 -21.98 16.96 -15.59
N LYS A 33 -21.62 16.52 -14.39
CA LYS A 33 -22.25 16.94 -13.14
C LYS A 33 -21.76 18.31 -12.67
N ASN A 34 -20.57 18.71 -13.14
CA ASN A 34 -19.92 19.97 -12.71
C ASN A 34 -19.35 20.69 -13.95
N PRO A 35 -20.23 21.36 -14.71
CA PRO A 35 -19.81 21.72 -16.07
C PRO A 35 -18.69 22.78 -16.18
N GLY A 36 -18.55 23.62 -15.17
CA GLY A 36 -17.47 24.61 -15.22
C GLY A 36 -16.08 24.11 -14.85
N ILE A 37 -15.94 22.82 -14.57
CA ILE A 37 -14.70 22.31 -13.97
C ILE A 37 -14.12 21.22 -14.83
N ASP A 38 -12.91 21.45 -15.33
CA ASP A 38 -12.16 20.44 -16.06
C ASP A 38 -11.01 19.96 -15.19
N VAL A 39 -10.46 18.82 -15.60
CA VAL A 39 -9.42 18.11 -14.84
C VAL A 39 -8.33 17.64 -15.76
N LYS A 40 -7.10 17.86 -15.32
CA LYS A 40 -5.91 17.35 -16.00
C LYS A 40 -5.01 16.70 -15.00
N TRP A 41 -4.15 15.81 -15.48
CA TRP A 41 -3.40 14.88 -14.61
C TRP A 41 -1.89 14.95 -14.75
N VAL A 42 -1.23 14.73 -13.62
CA VAL A 42 0.20 14.43 -13.59
C VAL A 42 0.27 13.06 -12.94
N THR A 43 0.66 12.07 -13.74
CA THR A 43 0.64 10.67 -13.33
C THR A 43 2.07 10.19 -13.17
N LEU A 44 2.37 9.67 -11.98
CA LEU A 44 3.77 9.40 -11.60
C LEU A 44 3.89 8.05 -10.90
N GLU A 45 5.06 7.42 -10.98
CA GLU A 45 5.30 6.22 -10.15
CA GLU A 45 5.36 6.25 -10.15
C GLU A 45 5.33 6.67 -8.69
N GLU A 46 4.96 5.77 -7.77
CA GLU A 46 4.72 6.24 -6.40
C GLU A 46 5.96 6.85 -5.73
N ASN A 47 7.14 6.31 -5.95
CA ASN A 47 8.35 6.93 -5.34
C ASN A 47 8.51 8.40 -5.75
N VAL A 48 8.26 8.66 -7.02
CA VAL A 48 8.42 10.00 -7.60
C VAL A 48 7.26 10.94 -7.22
N LEU A 49 6.05 10.42 -7.25
CA LEU A 49 4.87 11.14 -6.72
C LEU A 49 5.12 11.70 -5.32
N ARG A 50 5.67 10.85 -4.48
CA ARG A 50 5.90 11.24 -3.10
C ARG A 50 6.89 12.40 -2.98
N GLN A 51 7.96 12.31 -3.75
CA GLN A 51 8.98 13.36 -3.77
C GLN A 51 8.40 14.66 -4.32
N LYS A 52 7.69 14.57 -5.45
CA LYS A 52 7.15 15.78 -6.09
C LYS A 52 6.05 16.44 -5.28
N VAL A 53 5.15 15.64 -4.71
CA VAL A 53 4.09 16.19 -3.88
C VAL A 53 4.63 16.77 -2.58
N THR A 54 5.56 16.08 -1.93
CA THR A 54 6.18 16.59 -0.70
C THR A 54 6.80 17.96 -0.97
N THR A 55 7.60 18.05 -2.03
CA THR A 55 8.19 19.35 -2.42
C THR A 55 7.14 20.44 -2.63
N ASP A 56 6.08 20.08 -3.37
CA ASP A 56 5.04 21.04 -3.73
C ASP A 56 4.32 21.58 -2.50
N VAL A 57 4.00 20.68 -1.58
CA VAL A 57 3.22 21.04 -0.40
C VAL A 57 4.08 21.83 0.61
N ALA A 58 5.35 21.46 0.73
CA ALA A 58 6.27 22.05 1.73
C ALA A 58 6.72 23.45 1.34
N THR A 59 6.95 23.61 0.04
CA THR A 59 7.42 24.87 -0.55
C THR A 59 6.29 25.76 -1.10
N LYS A 60 5.04 25.33 -0.95
CA LYS A 60 3.88 26.09 -1.49
C LYS A 60 4.09 26.35 -2.98
N GLY A 61 4.44 25.28 -3.70
CA GLY A 61 4.87 25.39 -5.09
C GLY A 61 3.75 25.74 -6.06
N GLY A 62 2.51 25.49 -5.66
CA GLY A 62 1.36 25.76 -6.51
C GLY A 62 1.17 24.85 -7.72
N GLN A 63 1.92 23.75 -7.81
CA GLN A 63 1.85 22.90 -9.02
C GLN A 63 0.61 22.01 -9.11
N TYR A 64 0.11 21.60 -7.95
CA TYR A 64 -0.95 20.60 -7.90
C TYR A 64 -2.12 21.16 -7.13
N ASP A 65 -3.29 21.11 -7.75
CA ASP A 65 -4.48 21.58 -7.05
C ASP A 65 -5.13 20.53 -6.16
N VAL A 66 -5.03 19.28 -6.59
CA VAL A 66 -5.42 18.13 -5.79
C VAL A 66 -4.24 17.20 -5.80
N MET A 67 -3.94 16.64 -4.63
CA MET A 67 -2.79 15.76 -4.47
C MET A 67 -3.23 14.37 -4.00
N THR A 68 -2.62 13.32 -4.55
CA THR A 68 -2.84 11.97 -4.08
C THR A 68 -1.77 11.67 -3.07
N ILE A 69 -2.20 11.42 -1.84
CA ILE A 69 -1.29 11.25 -0.72
C ILE A 69 -1.72 10.03 0.09
N GLY A 70 -0.78 9.51 0.88
CA GLY A 70 -1.00 8.34 1.67
C GLY A 70 -1.53 8.61 3.05
N ILE A 71 -1.90 7.52 3.70
CA ILE A 71 -2.36 7.58 5.09
C ILE A 71 -1.23 7.94 6.07
N TYR A 72 0.00 7.75 5.61
CA TYR A 72 1.19 8.24 6.33
C TYR A 72 1.22 9.77 6.38
N GLU A 73 1.11 10.38 5.20
CA GLU A 73 1.25 11.83 5.09
C GLU A 73 0.10 12.61 5.68
N ALA A 74 -1.11 12.13 5.45
CA ALA A 74 -2.32 12.91 5.74
C ALA A 74 -2.36 13.50 7.15
N PRO A 75 -2.17 12.69 8.19
CA PRO A 75 -2.28 13.31 9.51
C PRO A 75 -1.10 14.18 9.89
N ILE A 76 0.07 13.86 9.34
CA ILE A 76 1.27 14.65 9.61
C ILE A 76 1.12 16.03 9.02
N TRP A 77 0.84 16.07 7.72
CA TRP A 77 0.64 17.33 7.02
C TRP A 77 -0.58 18.07 7.49
N GLY A 78 -1.60 17.33 7.88
CA GLY A 78 -2.80 17.95 8.43
C GLY A 78 -2.54 18.69 9.74
N LYS A 79 -1.80 18.04 10.62
CA LYS A 79 -1.45 18.64 11.91
C LYS A 79 -0.60 19.89 11.72
N GLN A 80 0.32 19.83 10.77
CA GLN A 80 1.18 20.96 10.40
C GLN A 80 0.52 22.19 9.76
N GLY A 81 -0.74 22.05 9.35
CA GLY A 81 -1.47 23.11 8.68
C GLY A 81 -1.23 23.22 7.18
N TRP A 82 -0.72 22.16 6.59
CA TRP A 82 -0.38 22.18 5.16
C TRP A 82 -1.53 21.78 4.23
N LEU A 83 -2.61 21.29 4.80
CA LEU A 83 -3.76 20.76 4.05
C LEU A 83 -5.06 21.46 4.44
N ALA A 84 -5.90 21.71 3.45
CA ALA A 84 -7.22 22.27 3.73
C ALA A 84 -8.10 21.21 4.37
N PRO A 85 -8.87 21.60 5.42
CA PRO A 85 -9.80 20.65 6.03
C PRO A 85 -10.96 20.40 5.09
N LEU A 86 -11.38 19.15 4.98
CA LEU A 86 -12.49 18.78 4.10
C LEU A 86 -13.84 18.82 4.83
N ASP A 87 -14.11 19.99 5.36
CA ASP A 87 -15.25 20.17 6.23
C ASP A 87 -16.58 20.03 5.52
N LYS A 88 -16.65 20.49 4.28
CA LYS A 88 -17.89 20.43 3.50
C LYS A 88 -18.23 18.97 3.23
N LEU A 89 -17.22 18.19 2.85
CA LEU A 89 -17.41 16.74 2.69
C LEU A 89 -17.89 16.05 3.96
N SER A 90 -17.25 16.39 5.08
CA SER A 90 -17.55 15.76 6.36
C SER A 90 -19.00 16.03 6.79
N ALA A 91 -19.55 17.18 6.38
CA ALA A 91 -20.91 17.58 6.74
C ALA A 91 -21.98 17.19 5.71
N ASP A 92 -21.59 16.75 4.52
CA ASP A 92 -22.53 16.61 3.40
C ASP A 92 -23.35 15.33 3.53
N LYS A 93 -24.65 15.46 3.46
CA LYS A 93 -25.54 14.33 3.63
C LYS A 93 -25.25 13.24 2.61
N ASP A 94 -25.24 13.58 1.33
CA ASP A 94 -25.14 12.50 0.32
C ASP A 94 -23.75 11.82 0.39
N TYR A 95 -22.71 12.60 0.71
CA TYR A 95 -21.35 12.05 0.81
C TYR A 95 -21.27 10.95 1.88
N ASP A 96 -21.93 11.21 3.00
CA ASP A 96 -22.05 10.27 4.10
C ASP A 96 -20.67 9.82 4.58
N ALA A 97 -19.94 10.73 5.18
CA ALA A 97 -18.64 10.42 5.74
C ALA A 97 -18.67 9.36 6.83
N ALA A 98 -19.79 9.24 7.53
CA ALA A 98 -19.93 8.19 8.53
C ALA A 98 -19.79 6.78 7.96
N ASP A 99 -20.05 6.64 6.67
CA ASP A 99 -19.98 5.34 6.00
C ASP A 99 -18.53 4.96 5.69
N LEU A 100 -17.62 5.92 5.75
CA LEU A 100 -16.19 5.59 5.59
C LEU A 100 -15.76 4.61 6.67
N LEU A 101 -14.90 3.63 6.33
CA LEU A 101 -14.49 2.63 7.33
C LEU A 101 -13.76 3.37 8.47
N PRO A 102 -14.09 3.02 9.72
CA PRO A 102 -13.43 3.75 10.80
C PRO A 102 -11.90 3.70 10.84
N PRO A 103 -11.26 2.52 10.60
CA PRO A 103 -9.79 2.57 10.64
C PRO A 103 -9.18 3.50 9.59
N VAL A 104 -9.88 3.65 8.48
CA VAL A 104 -9.41 4.48 7.40
C VAL A 104 -9.68 5.96 7.73
N ARG A 105 -10.94 6.31 7.98
CA ARG A 105 -11.30 7.70 8.29
CA ARG A 105 -11.33 7.70 8.32
C ARG A 105 -10.50 8.25 9.50
N SER A 106 -10.36 7.45 10.53
CA SER A 106 -9.66 7.89 11.71
C SER A 106 -8.19 8.16 11.45
N GLY A 107 -7.62 7.42 10.50
CA GLY A 107 -6.22 7.66 10.10
C GLY A 107 -5.96 8.92 9.29
N LEU A 108 -7.03 9.58 8.86
CA LEU A 108 -6.96 10.76 8.00
C LEU A 108 -7.50 11.99 8.70
N THR A 109 -7.83 11.82 10.00
CA THR A 109 -8.49 12.85 10.79
C THR A 109 -7.55 13.32 11.91
N VAL A 110 -7.46 14.63 12.07
CA VAL A 110 -6.66 15.26 13.15
C VAL A 110 -7.51 16.33 13.85
N ASP A 111 -7.55 16.27 15.19
CA ASP A 111 -8.30 17.23 16.01
C ASP A 111 -9.71 17.43 15.43
N GLY A 112 -10.36 16.33 15.06
CA GLY A 112 -11.75 16.34 14.58
C GLY A 112 -12.00 16.79 13.16
N LYS A 113 -10.92 17.04 12.40
CA LYS A 113 -11.04 17.44 10.99
C LYS A 113 -10.41 16.41 10.04
N LEU A 114 -11.13 16.14 8.97
CA LEU A 114 -10.71 15.24 7.89
C LEU A 114 -9.78 16.02 6.94
N TYR A 115 -8.54 15.56 6.82
CA TYR A 115 -7.55 16.20 5.93
C TYR A 115 -7.28 15.56 4.59
N ALA A 116 -7.87 14.39 4.37
CA ALA A 116 -7.83 13.79 3.05
C ALA A 116 -8.99 12.82 2.95
N ALA A 117 -9.46 12.52 1.73
CA ALA A 117 -10.54 11.55 1.54
C ALA A 117 -10.01 10.33 0.84
N PRO A 118 -10.40 9.14 1.32
CA PRO A 118 -9.81 7.96 0.80
C PRO A 118 -10.42 7.51 -0.54
N PHE A 119 -9.53 7.29 -1.52
CA PHE A 119 -9.92 6.82 -2.83
C PHE A 119 -9.97 5.29 -2.86
N TYR A 120 -8.94 4.64 -2.31
CA TYR A 120 -9.04 3.22 -1.97
C TYR A 120 -8.16 2.93 -0.79
N ALA A 121 -8.50 1.86 -0.07
CA ALA A 121 -7.67 1.36 1.01
C ALA A 121 -7.41 -0.11 0.90
N GLU A 122 -6.44 -0.56 1.67
CA GLU A 122 -5.93 -1.91 1.54
C GLU A 122 -5.26 -2.42 2.81
N SER A 123 -5.12 -3.72 2.89
CA SER A 123 -4.17 -4.35 3.78
C SER A 123 -3.24 -5.18 2.90
N SER A 124 -2.64 -6.24 3.44
CA SER A 124 -1.84 -7.13 2.63
C SER A 124 -2.21 -8.57 2.91
N MET A 125 -2.05 -9.43 1.91
CA MET A 125 -2.38 -10.83 2.02
C MET A 125 -1.56 -11.63 0.99
N VAL A 126 -1.72 -12.96 1.02
CA VAL A 126 -1.12 -13.86 0.03
C VAL A 126 -2.09 -14.11 -1.11
N MET A 127 -1.60 -13.88 -2.31
CA MET A 127 -2.24 -14.31 -3.55
C MET A 127 -1.44 -15.49 -4.10
N TYR A 128 -2.11 -16.56 -4.55
CA TYR A 128 -1.40 -17.72 -5.00
C TYR A 128 -2.14 -18.40 -6.16
N ARG A 129 -1.37 -19.21 -6.85
CA ARG A 129 -1.85 -19.94 -8.02
C ARG A 129 -2.39 -21.30 -7.60
N LYS A 130 -3.71 -21.45 -7.64
CA LYS A 130 -4.36 -22.70 -7.23
C LYS A 130 -3.88 -23.88 -8.10
N ASP A 131 -3.67 -23.61 -9.37
CA ASP A 131 -3.28 -24.67 -10.31
C ASP A 131 -1.87 -25.19 -10.04
N LEU A 132 -0.95 -24.28 -9.81
CA LEU A 132 0.42 -24.66 -9.44
C LEU A 132 0.50 -25.33 -8.09
N PHE A 133 -0.34 -24.92 -7.14
CA PHE A 133 -0.43 -25.64 -5.85
C PHE A 133 -0.91 -27.06 -6.05
N GLU A 134 -2.00 -27.24 -6.81
CA GLU A 134 -2.53 -28.58 -7.08
C GLU A 134 -1.48 -29.46 -7.72
N LYS A 135 -0.75 -28.91 -8.69
CA LYS A 135 0.29 -29.65 -9.40
C LYS A 135 1.45 -30.07 -8.49
N ALA A 136 1.82 -29.19 -7.55
CA ALA A 136 2.89 -29.46 -6.56
C ALA A 136 2.44 -30.32 -5.37
N GLY A 137 1.16 -30.66 -5.35
CA GLY A 137 0.50 -31.40 -4.26
C GLY A 137 0.31 -30.67 -2.94
N LEU A 138 0.19 -29.35 -3.03
CA LEU A 138 0.15 -28.50 -1.86
C LEU A 138 -1.22 -27.91 -1.63
N LYS A 139 -1.57 -27.68 -0.36
CA LYS A 139 -2.76 -26.94 0.05
C LYS A 139 -2.32 -25.69 0.82
N MET A 140 -2.85 -24.52 0.46
CA MET A 140 -2.55 -23.28 1.20
C MET A 140 -3.41 -23.20 2.49
N PRO A 141 -2.77 -23.11 3.70
CA PRO A 141 -3.56 -22.84 4.91
C PRO A 141 -4.15 -21.44 4.83
N GLU A 142 -5.31 -21.20 5.46
CA GLU A 142 -5.90 -19.87 5.47
CA GLU A 142 -5.90 -19.87 5.47
C GLU A 142 -4.96 -18.92 6.19
N ALA A 143 -4.21 -19.43 7.19
CA ALA A 143 -3.26 -18.60 7.97
C ALA A 143 -1.88 -19.24 7.88
N PRO A 144 -1.21 -19.08 6.73
CA PRO A 144 0.08 -19.70 6.57
C PRO A 144 1.19 -19.10 7.42
N THR A 145 2.21 -19.91 7.68
CA THR A 145 3.47 -19.40 8.23
C THR A 145 4.49 -19.11 7.12
N TRP A 146 5.48 -18.28 7.44
CA TRP A 146 6.58 -18.03 6.55
C TRP A 146 7.37 -19.30 6.21
N ASP A 147 7.50 -20.23 7.16
CA ASP A 147 8.19 -21.48 6.85
C ASP A 147 7.41 -22.25 5.79
N PHE A 148 6.08 -22.23 5.86
CA PHE A 148 5.28 -22.89 4.83
C PHE A 148 5.45 -22.21 3.48
N ILE A 149 5.45 -20.88 3.48
CA ILE A 149 5.64 -20.15 2.23
C ILE A 149 6.97 -20.52 1.57
N LYS A 150 8.01 -20.61 2.40
CA LYS A 150 9.34 -20.98 1.91
C LYS A 150 9.32 -22.38 1.28
N GLU A 151 8.70 -23.33 1.98
N GLU A 151 8.69 -23.33 1.98
CA GLU A 151 8.57 -24.73 1.52
CA GLU A 151 8.57 -24.73 1.49
C GLU A 151 7.83 -24.79 0.18
C GLU A 151 7.83 -24.78 0.17
N ALA A 152 6.69 -24.10 0.12
CA ALA A 152 5.89 -24.04 -1.10
C ALA A 152 6.62 -23.40 -2.29
N ALA A 153 7.33 -22.31 -2.05
CA ALA A 153 8.02 -21.60 -3.11
C ALA A 153 9.09 -22.51 -3.72
N ASP A 154 9.80 -23.24 -2.85
CA ASP A 154 10.90 -24.12 -3.27
C ASP A 154 10.32 -25.21 -4.24
N LYS A 155 9.09 -25.65 -3.98
CA LYS A 155 8.40 -26.73 -4.77
C LYS A 155 7.80 -26.26 -6.10
N ILE A 156 7.46 -24.99 -6.18
CA ILE A 156 6.78 -24.45 -7.36
C ILE A 156 7.72 -23.90 -8.43
N THR A 157 8.83 -23.32 -8.00
CA THR A 157 9.77 -22.77 -8.92
C THR A 157 10.12 -23.82 -9.99
N ASP A 158 10.15 -23.34 -11.22
CA ASP A 158 10.42 -24.14 -12.40
C ASP A 158 11.06 -23.09 -13.31
N LYS A 159 12.25 -22.60 -12.87
CA LYS A 159 12.91 -21.38 -13.43
C LYS A 159 13.18 -21.57 -14.94
N SER A 160 13.20 -22.83 -15.36
CA SER A 160 13.21 -23.23 -16.78
C SER A 160 11.96 -22.82 -17.58
N LYS A 161 10.78 -22.97 -16.99
CA LYS A 161 9.49 -22.58 -17.62
C LYS A 161 9.03 -21.16 -17.23
N GLU A 162 10.01 -20.33 -16.86
CA GLU A 162 9.77 -19.00 -16.30
C GLU A 162 8.59 -19.00 -15.35
N VAL A 163 8.64 -19.94 -14.40
CA VAL A 163 7.77 -19.92 -13.22
C VAL A 163 8.64 -19.74 -11.98
N TYR A 164 8.43 -18.60 -11.32
CA TYR A 164 9.09 -18.31 -10.04
C TYR A 164 8.14 -18.64 -8.90
N GLY A 165 8.64 -19.30 -7.88
CA GLY A 165 7.76 -19.73 -6.77
C GLY A 165 7.16 -18.55 -5.99
N ILE A 166 7.90 -17.48 -5.94
CA ILE A 166 7.41 -16.31 -5.24
C ILE A 166 7.96 -15.02 -5.83
N CYS A 167 7.11 -14.00 -5.81
N CYS A 167 7.13 -13.99 -5.67
CA CYS A 167 7.56 -12.64 -6.08
CA CYS A 167 7.37 -12.65 -6.14
C CYS A 167 7.16 -11.70 -4.95
C CYS A 167 7.13 -11.72 -4.91
N LEU A 168 8.11 -10.86 -4.57
CA LEU A 168 7.96 -9.88 -3.49
C LEU A 168 8.59 -8.55 -3.93
N ARG A 169 8.17 -7.46 -3.33
CA ARG A 169 8.77 -6.16 -3.64
C ARG A 169 10.24 -6.21 -3.39
N GLY A 170 10.97 -5.68 -4.35
CA GLY A 170 12.42 -5.53 -4.27
C GLY A 170 12.91 -4.10 -4.57
N LYS A 171 12.11 -3.29 -5.29
CA LYS A 171 12.47 -1.93 -5.71
C LYS A 171 12.62 -1.05 -4.49
N ALA A 172 13.75 -0.34 -4.42
CA ALA A 172 14.00 0.55 -3.29
C ALA A 172 13.03 1.74 -3.22
N GLY A 173 12.50 1.97 -2.03
CA GLY A 173 11.72 3.15 -1.77
C GLY A 173 11.12 3.06 -0.38
N TRP A 174 10.84 4.18 0.26
CA TRP A 174 10.30 4.10 1.61
C TRP A 174 8.97 3.37 1.65
N GLY A 175 8.15 3.58 0.61
CA GLY A 175 6.87 2.91 0.51
C GLY A 175 6.80 1.75 -0.43
N GLU A 176 7.95 1.34 -0.98
CA GLU A 176 8.01 0.18 -1.87
C GLU A 176 8.60 -1.01 -1.14
N ASN A 177 9.89 -1.29 -1.30
CA ASN A 177 10.47 -2.43 -0.59
C ASN A 177 10.39 -2.30 0.93
N ILE A 178 10.57 -1.09 1.43
CA ILE A 178 10.48 -0.85 2.86
C ILE A 178 9.09 -1.12 3.45
N ALA A 179 8.04 -0.83 2.70
CA ALA A 179 6.69 -1.19 3.17
C ALA A 179 6.59 -2.69 3.39
N PHE A 180 6.96 -3.44 2.37
CA PHE A 180 6.88 -4.87 2.47
C PHE A 180 7.77 -5.43 3.60
N LEU A 181 9.02 -4.98 3.61
CA LEU A 181 9.98 -5.54 4.56
C LEU A 181 9.66 -5.16 6.00
N SER A 182 9.20 -3.94 6.21
CA SER A 182 8.86 -3.51 7.56
C SER A 182 7.67 -4.36 8.09
N ALA A 183 6.63 -4.52 7.28
CA ALA A 183 5.47 -5.33 7.66
C ALA A 183 5.91 -6.80 7.93
N MET A 184 6.73 -7.35 7.06
CA MET A 184 7.28 -8.73 7.23
C MET A 184 8.08 -8.79 8.52
N SER A 185 8.91 -7.78 8.76
CA SER A 185 9.71 -7.79 9.99
C SER A 185 8.89 -7.88 11.26
N ASN A 186 7.72 -7.26 11.25
CA ASN A 186 6.87 -7.32 12.46
C ASN A 186 6.49 -8.76 12.83
N SER A 187 6.29 -9.57 11.80
CA SER A 187 5.93 -10.96 11.99
C SER A 187 7.09 -11.82 12.51
N PHE A 188 8.30 -11.31 12.30
CA PHE A 188 9.54 -11.94 12.78
C PHE A 188 9.92 -11.37 14.16
N GLY A 189 9.04 -10.56 14.75
CA GLY A 189 9.30 -9.99 16.07
C GLY A 189 10.21 -8.80 16.15
N ALA A 190 10.44 -8.18 14.99
CA ALA A 190 11.29 -7.02 14.88
C ALA A 190 10.52 -5.74 15.22
N ARG A 191 11.29 -4.65 15.33
CA ARG A 191 10.77 -3.28 15.42
C ARG A 191 11.79 -2.33 14.81
N TRP A 192 11.37 -1.13 14.39
CA TRP A 192 12.29 -0.18 13.81
C TRP A 192 13.10 0.54 14.93
N PHE A 193 12.48 0.69 16.10
CA PHE A 193 13.01 1.57 17.21
C PHE A 193 12.59 0.98 18.53
N ASP A 194 13.44 1.10 19.53
CA ASP A 194 13.05 0.86 20.90
C ASP A 194 12.42 2.11 21.49
N GLU A 195 12.03 2.05 22.75
CA GLU A 195 11.29 3.16 23.35
C GLU A 195 12.14 4.42 23.58
N GLN A 196 13.46 4.28 23.40
CA GLN A 196 14.38 5.44 23.41
C GLN A 196 14.79 5.91 22.00
N TRP A 197 14.08 5.41 21.00
CA TRP A 197 14.30 5.75 19.60
C TRP A 197 15.68 5.30 19.08
N LYS A 198 16.23 4.25 19.70
CA LYS A 198 17.41 3.60 19.17
C LYS A 198 17.01 2.62 18.06
N PRO A 199 17.62 2.74 16.85
CA PRO A 199 17.27 1.79 15.79
C PRO A 199 17.69 0.38 16.16
N GLN A 200 17.04 -0.59 15.51
CA GLN A 200 17.15 -1.97 15.90
C GLN A 200 17.67 -2.86 14.77
N PHE A 201 18.33 -2.28 13.78
CA PHE A 201 18.83 -3.06 12.66
C PHE A 201 19.97 -4.00 13.00
N ASP A 202 20.60 -3.75 14.15
CA ASP A 202 21.67 -4.61 14.68
C ASP A 202 21.19 -5.76 15.58
N GLN A 203 19.88 -5.93 15.68
CA GLN A 203 19.31 -6.94 16.54
C GLN A 203 18.91 -8.17 15.74
N PRO A 204 18.65 -9.28 16.43
CA PRO A 204 18.50 -10.54 15.70
C PRO A 204 17.27 -10.65 14.80
N GLU A 205 16.20 -9.94 15.12
CA GLU A 205 14.94 -10.15 14.40
C GLU A 205 14.99 -9.53 13.01
N TRP A 206 15.65 -8.38 12.88
CA TRP A 206 15.84 -7.79 11.54
C TRP A 206 16.82 -8.63 10.71
N LYS A 207 17.86 -9.17 11.34
CA LYS A 207 18.75 -10.11 10.63
C LYS A 207 17.95 -11.30 10.09
N LYS A 208 17.15 -11.91 10.96
CA LYS A 208 16.34 -13.04 10.53
C LYS A 208 15.42 -12.70 9.36
N THR A 209 14.74 -11.57 9.46
CA THR A 209 13.83 -11.09 8.40
C THR A 209 14.56 -10.90 7.07
N LEU A 210 15.62 -10.11 7.11
CA LEU A 210 16.29 -9.76 5.84
C LEU A 210 16.97 -10.97 5.19
N GLN A 211 17.66 -11.78 6.00
CA GLN A 211 18.27 -12.99 5.49
C GLN A 211 17.22 -13.95 4.92
N PHE A 212 16.08 -14.06 5.60
CA PHE A 212 15.00 -14.98 5.15
C PHE A 212 14.52 -14.53 3.76
N TYR A 213 14.26 -13.24 3.66
CA TYR A 213 13.85 -12.59 2.42
C TYR A 213 14.84 -12.74 1.29
N VAL A 214 16.10 -12.41 1.55
CA VAL A 214 17.11 -12.50 0.48
C VAL A 214 17.31 -13.98 0.02
N ASP A 215 17.38 -14.91 0.96
CA ASP A 215 17.52 -16.32 0.59
C ASP A 215 16.35 -16.81 -0.24
N LEU A 216 15.16 -16.43 0.19
CA LEU A 216 13.93 -16.85 -0.47
C LEU A 216 13.89 -16.35 -1.92
N MET A 217 14.23 -15.09 -2.09
CA MET A 217 14.16 -14.44 -3.38
C MET A 217 15.28 -14.91 -4.28
N LYS A 218 16.48 -15.08 -3.74
CA LYS A 218 17.57 -15.63 -4.59
CA LYS A 218 17.53 -15.66 -4.56
C LYS A 218 17.22 -17.02 -5.18
N LYS A 219 16.67 -17.87 -4.34
CA LYS A 219 16.35 -19.20 -4.74
C LYS A 219 15.12 -19.29 -5.66
N ASN A 220 14.07 -18.55 -5.34
CA ASN A 220 12.75 -18.79 -5.90
C ASN A 220 12.14 -17.57 -6.58
N GLY A 221 12.81 -16.42 -6.53
CA GLY A 221 12.24 -15.21 -7.10
C GLY A 221 12.74 -14.91 -8.49
N PRO A 222 12.15 -13.87 -9.11
CA PRO A 222 12.46 -13.53 -10.47
C PRO A 222 13.78 -12.81 -10.58
N PRO A 223 14.32 -12.80 -11.79
CA PRO A 223 15.57 -12.13 -12.00
C PRO A 223 15.37 -10.63 -11.88
N GLY A 224 16.39 -9.95 -11.37
CA GLY A 224 16.35 -8.49 -11.25
C GLY A 224 15.19 -7.99 -10.39
N ALA A 225 14.88 -8.76 -9.34
CA ALA A 225 13.79 -8.43 -8.43
C ALA A 225 14.06 -7.08 -7.71
N SER A 226 15.33 -6.67 -7.62
CA SER A 226 15.68 -5.39 -7.00
C SER A 226 15.10 -4.19 -7.81
N SER A 227 14.54 -4.46 -9.00
CA SER A 227 13.86 -3.47 -9.85
C SER A 227 12.34 -3.53 -9.78
N ASN A 228 11.80 -4.50 -9.03
CA ASN A 228 10.35 -4.76 -9.06
C ASN A 228 9.63 -4.16 -7.88
N GLY A 229 8.78 -3.16 -8.16
CA GLY A 229 7.86 -2.64 -7.16
C GLY A 229 6.52 -3.31 -7.23
N PHE A 230 5.51 -2.65 -6.66
CA PHE A 230 4.15 -3.18 -6.69
C PHE A 230 3.70 -3.49 -8.12
N ASN A 231 3.84 -2.52 -9.02
CA ASN A 231 3.27 -2.70 -10.35
C ASN A 231 4.02 -3.74 -11.17
N GLU A 232 5.33 -3.87 -10.99
CA GLU A 232 6.08 -4.92 -11.72
C GLU A 232 5.67 -6.30 -11.23
N ASN A 233 5.46 -6.42 -9.93
CA ASN A 233 5.03 -7.71 -9.41
C ASN A 233 3.61 -8.07 -9.81
N LEU A 234 2.75 -7.08 -9.92
CA LEU A 234 1.40 -7.31 -10.37
C LEU A 234 1.44 -7.90 -11.75
N ALA A 235 2.29 -7.34 -12.61
CA ALA A 235 2.43 -7.85 -13.99
C ALA A 235 2.99 -9.27 -13.99
N LEU A 236 4.00 -9.51 -13.17
CA LEU A 236 4.52 -10.89 -13.12
C LEU A 236 3.45 -11.88 -12.74
N PHE A 237 2.63 -11.53 -11.75
CA PHE A 237 1.60 -12.45 -11.30
C PHE A 237 0.53 -12.65 -12.38
N GLN A 238 0.09 -11.55 -12.95
CA GLN A 238 -0.98 -11.58 -13.96
C GLN A 238 -0.60 -12.36 -15.20
N THR A 239 0.68 -12.28 -15.60
CA THR A 239 1.15 -12.93 -16.81
C THR A 239 1.52 -14.42 -16.59
N GLY A 240 1.38 -14.89 -15.36
CA GLY A 240 1.49 -16.30 -15.03
C GLY A 240 2.86 -16.79 -14.62
N LYS A 241 3.73 -15.86 -14.26
CA LYS A 241 5.13 -16.14 -13.91
C LYS A 241 5.42 -16.38 -12.44
N CYS A 242 4.38 -16.29 -11.59
N CYS A 242 4.44 -16.20 -11.57
CA CYS A 242 4.55 -16.16 -10.13
CA CYS A 242 4.72 -16.41 -10.14
C CYS A 242 3.62 -17.18 -9.40
C CYS A 242 3.67 -17.21 -9.43
N GLY A 243 4.18 -18.12 -8.62
CA GLY A 243 3.35 -19.02 -7.81
C GLY A 243 2.60 -18.33 -6.66
N MET A 244 3.28 -17.35 -6.03
CA MET A 244 2.73 -16.64 -4.87
C MET A 244 3.25 -15.21 -4.91
N TRP A 245 2.42 -14.28 -4.46
CA TRP A 245 2.77 -12.85 -4.36
C TRP A 245 2.09 -12.36 -3.08
N ILE A 246 2.88 -11.74 -2.20
CA ILE A 246 2.38 -11.31 -0.89
C ILE A 246 2.39 -9.81 -0.89
N ASP A 247 1.21 -9.22 -1.01
CA ASP A 247 1.16 -7.78 -1.27
C ASP A 247 -0.25 -7.25 -1.05
N ALA A 248 -0.44 -6.00 -1.49
CA ALA A 248 -1.64 -5.23 -1.26
C ALA A 248 -2.92 -5.92 -1.67
N THR A 249 -3.93 -5.85 -0.79
CA THR A 249 -5.24 -6.44 -1.09
C THR A 249 -5.92 -5.79 -2.31
N VAL A 250 -5.56 -4.55 -2.64
CA VAL A 250 -6.15 -3.90 -3.83
C VAL A 250 -5.90 -4.70 -5.12
N ALA A 251 -4.79 -5.44 -5.14
CA ALA A 251 -4.44 -6.21 -6.32
C ALA A 251 -5.45 -7.31 -6.63
N ALA A 252 -6.27 -7.67 -5.64
CA ALA A 252 -7.14 -8.84 -5.82
C ALA A 252 -8.07 -8.70 -7.02
N SER A 253 -8.63 -7.51 -7.21
CA SER A 253 -9.52 -7.31 -8.36
C SER A 253 -8.76 -7.43 -9.68
N PHE A 254 -7.54 -6.89 -9.71
CA PHE A 254 -6.74 -6.89 -10.91
C PHE A 254 -6.27 -8.29 -11.33
N VAL A 255 -5.88 -9.10 -10.36
CA VAL A 255 -5.38 -10.42 -10.67
C VAL A 255 -6.51 -11.34 -11.05
N THR A 256 -7.75 -11.01 -10.69
CA THR A 256 -8.89 -11.88 -11.01
C THR A 256 -9.73 -11.31 -12.17
N ASN A 257 -9.24 -10.26 -12.83
CA ASN A 257 -9.93 -9.70 -14.01
C ASN A 257 -9.42 -10.37 -15.26
N PRO A 258 -10.28 -11.20 -15.88
CA PRO A 258 -9.83 -11.88 -17.06
C PRO A 258 -9.41 -11.02 -18.21
N LYS A 259 -9.83 -9.76 -18.22
CA LYS A 259 -9.42 -8.85 -19.29
C LYS A 259 -7.94 -8.45 -19.20
N GLU A 260 -7.36 -8.58 -18.01
CA GLU A 260 -5.97 -8.21 -17.84
C GLU A 260 -5.10 -9.23 -17.14
N SER A 261 -5.65 -10.41 -16.88
CA SER A 261 -4.95 -11.44 -16.11
C SER A 261 -5.23 -12.79 -16.73
N LYS A 262 -4.14 -13.36 -17.23
CA LYS A 262 -4.14 -14.70 -17.82
C LYS A 262 -4.57 -15.77 -16.78
N VAL A 263 -4.23 -15.50 -15.53
CA VAL A 263 -4.45 -16.39 -14.39
C VAL A 263 -5.72 -16.17 -13.61
N ALA A 264 -6.64 -15.36 -14.14
CA ALA A 264 -7.74 -14.84 -13.33
C ALA A 264 -8.59 -15.91 -12.67
N ASP A 265 -8.78 -17.05 -13.35
CA ASP A 265 -9.60 -18.14 -12.80
C ASP A 265 -8.83 -19.11 -11.88
N GLN A 266 -7.55 -18.82 -11.63
CA GLN A 266 -6.65 -19.71 -10.86
C GLN A 266 -6.07 -19.04 -9.59
N VAL A 267 -6.66 -17.94 -9.18
CA VAL A 267 -6.16 -17.20 -8.00
C VAL A 267 -6.86 -17.58 -6.70
N GLY A 268 -6.05 -17.89 -5.71
CA GLY A 268 -6.49 -18.10 -4.35
C GLY A 268 -5.91 -17.03 -3.45
N PHE A 269 -6.50 -16.92 -2.26
CA PHE A 269 -6.15 -15.87 -1.27
C PHE A 269 -6.00 -16.49 0.11
N ALA A 270 -5.02 -16.00 0.87
CA ALA A 270 -4.85 -16.42 2.25
C ALA A 270 -4.25 -15.26 3.03
N LEU A 271 -4.28 -15.36 4.34
CA LEU A 271 -3.78 -14.26 5.17
C LEU A 271 -2.28 -14.06 5.04
N ALA A 272 -1.83 -12.83 5.28
CA ALA A 272 -0.38 -12.55 5.42
C ALA A 272 0.28 -13.59 6.31
N PRO A 273 1.49 -14.09 5.95
CA PRO A 273 2.09 -15.16 6.75
C PRO A 273 2.68 -14.66 8.06
N ASP A 274 2.76 -15.59 9.01
CA ASP A 274 3.32 -15.26 10.33
C ASP A 274 4.39 -16.26 10.75
N ASN A 275 4.84 -16.14 11.98
CA ASN A 275 5.81 -17.05 12.60
C ASN A 275 5.42 -17.49 14.00
N GLY A 276 4.14 -17.37 14.35
CA GLY A 276 3.70 -17.79 15.67
C GLY A 276 4.19 -16.91 16.80
N LEU A 277 4.45 -15.65 16.49
CA LEU A 277 4.93 -14.70 17.51
C LEU A 277 3.89 -13.73 18.01
N GLY A 278 2.74 -13.68 17.35
CA GLY A 278 1.64 -12.82 17.78
C GLY A 278 1.35 -11.58 16.94
N LYS A 279 2.11 -11.41 15.86
CA LYS A 279 1.83 -10.40 14.85
C LYS A 279 1.97 -11.05 13.49
N ARG A 280 1.00 -10.79 12.63
CA ARG A 280 1.05 -11.23 11.23
C ARG A 280 1.67 -10.20 10.30
N GLY A 281 1.60 -8.95 10.70
CA GLY A 281 2.18 -7.88 9.89
C GLY A 281 1.40 -7.48 8.65
N ASN A 282 0.12 -7.82 8.57
CA ASN A 282 -0.67 -7.30 7.44
C ASN A 282 -0.84 -5.81 7.69
N TRP A 283 -0.72 -5.02 6.63
CA TRP A 283 -0.56 -3.58 6.80
C TRP A 283 -1.87 -2.83 6.61
N LEU A 284 -1.82 -1.53 6.81
CA LEU A 284 -2.95 -0.65 6.52
C LEU A 284 -2.43 0.52 5.70
N TRP A 285 -2.95 0.64 4.47
CA TRP A 285 -2.60 1.77 3.60
C TRP A 285 -3.86 2.31 2.99
N SER A 286 -3.91 3.62 2.79
CA SER A 286 -4.90 4.19 1.87
C SER A 286 -4.25 5.21 0.98
N TRP A 287 -4.75 5.26 -0.26
CA TRP A 287 -4.49 6.36 -1.19
C TRP A 287 -5.65 7.32 -1.15
N ASN A 288 -5.32 8.59 -0.92
CA ASN A 288 -6.28 9.63 -0.56
C ASN A 288 -6.07 10.86 -1.42
N LEU A 289 -7.11 11.69 -1.48
CA LEU A 289 -7.05 12.96 -2.21
C LEU A 289 -7.15 14.08 -1.20
N ALA A 290 -6.30 15.06 -1.41
CA ALA A 290 -6.16 16.20 -0.50
C ALA A 290 -5.93 17.53 -1.24
N ILE A 291 -6.14 18.64 -0.52
CA ILE A 291 -6.07 19.96 -1.09
C ILE A 291 -5.03 20.76 -0.28
N PRO A 292 -4.12 21.46 -0.98
CA PRO A 292 -3.18 22.29 -0.20
C PRO A 292 -3.87 23.45 0.50
N ALA A 293 -3.47 23.70 1.75
CA ALA A 293 -4.02 24.79 2.53
C ALA A 293 -3.67 26.02 1.75
N GLY A 294 -4.59 26.95 1.65
CA GLY A 294 -4.26 28.18 0.89
C GLY A 294 -4.52 28.11 -0.61
N SER A 295 -4.98 26.96 -1.09
CA SER A 295 -5.55 26.83 -2.42
C SER A 295 -6.56 27.95 -2.68
N LYS A 296 -6.54 28.48 -3.89
CA LYS A 296 -7.59 29.38 -4.35
C LYS A 296 -8.65 28.61 -5.16
N LYS A 297 -8.54 27.28 -5.17
CA LYS A 297 -9.51 26.44 -5.90
C LYS A 297 -10.23 25.41 -4.99
N VAL A 298 -10.43 25.76 -3.74
CA VAL A 298 -10.95 24.81 -2.75
C VAL A 298 -12.33 24.27 -3.12
N GLU A 299 -13.24 25.13 -3.55
CA GLU A 299 -14.62 24.71 -3.80
C GLU A 299 -14.62 23.67 -4.91
N ALA A 300 -13.89 23.95 -6.01
CA ALA A 300 -13.86 23.03 -7.13
C ALA A 300 -13.13 21.75 -6.74
N ALA A 301 -12.03 21.90 -6.01
CA ALA A 301 -11.25 20.72 -5.58
C ALA A 301 -12.05 19.80 -4.67
N GLU A 302 -12.75 20.40 -3.69
N GLU A 302 -12.75 20.39 -3.73
CA GLU A 302 -13.71 19.69 -2.80
CA GLU A 302 -13.57 19.60 -2.83
C GLU A 302 -14.72 18.89 -3.61
C GLU A 302 -14.73 18.89 -3.59
N LYS A 303 -15.33 19.54 -4.58
CA LYS A 303 -16.32 18.88 -5.47
C LYS A 303 -15.71 17.67 -6.17
N PHE A 304 -14.49 17.83 -6.70
CA PHE A 304 -13.82 16.69 -7.33
C PHE A 304 -13.57 15.51 -6.35
N ILE A 305 -13.01 15.84 -5.20
CA ILE A 305 -12.70 14.84 -4.21
C ILE A 305 -13.96 14.14 -3.74
N ALA A 306 -15.05 14.88 -3.55
CA ALA A 306 -16.33 14.27 -3.17
C ALA A 306 -16.83 13.30 -4.24
N TRP A 307 -16.70 13.71 -5.48
CA TRP A 307 -17.13 12.88 -6.63
C TRP A 307 -16.33 11.57 -6.65
N ALA A 308 -15.03 11.66 -6.48
CA ALA A 308 -14.17 10.50 -6.63
C ALA A 308 -14.25 9.49 -5.50
N THR A 309 -14.76 9.91 -4.34
CA THR A 309 -14.67 9.12 -3.11
C THR A 309 -16.06 8.88 -2.48
N SER A 310 -17.07 8.94 -3.34
CA SER A 310 -18.45 8.77 -2.96
C SER A 310 -19.00 7.40 -3.31
N LYS A 311 -20.15 7.10 -2.72
CA LYS A 311 -20.86 5.87 -3.07
C LYS A 311 -21.19 5.85 -4.56
N ASP A 312 -21.53 7.01 -5.09
CA ASP A 312 -21.85 7.11 -6.51
C ASP A 312 -20.67 6.74 -7.39
N TYR A 313 -19.44 7.09 -7.00
CA TYR A 313 -18.27 6.70 -7.79
C TYR A 313 -18.15 5.16 -7.87
N LEU A 314 -18.42 4.48 -6.76
CA LEU A 314 -18.36 3.03 -6.77
C LEU A 314 -19.42 2.49 -7.74
N LYS A 315 -20.61 3.08 -7.71
CA LYS A 315 -21.70 2.64 -8.63
CA LYS A 315 -21.68 2.65 -8.64
C LYS A 315 -21.32 2.87 -10.12
N LEU A 316 -20.65 3.97 -10.38
CA LEU A 316 -20.21 4.35 -11.72
C LEU A 316 -19.25 3.31 -12.25
N VAL A 317 -18.26 2.94 -11.43
CA VAL A 317 -17.30 1.91 -11.85
C VAL A 317 -18.00 0.58 -12.00
N ALA A 318 -18.89 0.24 -11.06
CA ALA A 318 -19.59 -1.05 -11.18
C ALA A 318 -20.37 -1.18 -12.50
N GLU A 319 -21.05 -0.11 -12.88
CA GLU A 319 -21.82 -0.08 -14.12
C GLU A 319 -20.97 -0.29 -15.37
N LYS A 320 -19.80 0.32 -15.36
CA LYS A 320 -18.87 0.31 -16.48
C LYS A 320 -18.04 -0.98 -16.58
N ASP A 321 -17.45 -1.36 -15.45
CA ASP A 321 -16.44 -2.43 -15.39
C ASP A 321 -16.77 -3.62 -14.47
N GLY A 322 -17.91 -3.62 -13.79
CA GLY A 322 -18.28 -4.72 -12.89
C GLY A 322 -17.98 -4.37 -11.45
N TRP A 323 -18.85 -4.84 -10.56
CA TRP A 323 -18.70 -4.62 -9.11
C TRP A 323 -17.32 -5.04 -8.56
N ALA A 324 -16.73 -6.09 -9.09
CA ALA A 324 -15.46 -6.58 -8.53
C ALA A 324 -14.36 -5.54 -8.64
N ASN A 325 -14.49 -4.66 -9.63
CA ASN A 325 -13.45 -3.70 -10.02
C ASN A 325 -13.56 -2.31 -9.41
N VAL A 326 -14.52 -2.12 -8.51
CA VAL A 326 -14.59 -0.81 -7.86
C VAL A 326 -13.39 -0.60 -6.93
N PRO A 327 -13.07 0.67 -6.62
CA PRO A 327 -12.00 0.87 -5.64
C PRO A 327 -12.42 0.33 -4.28
N PRO A 328 -11.55 -0.47 -3.64
CA PRO A 328 -11.92 -1.13 -2.42
C PRO A 328 -11.56 -0.39 -1.15
N GLY A 329 -12.06 -0.93 -0.05
CA GLY A 329 -11.56 -0.63 1.28
C GLY A 329 -11.91 0.67 1.93
N THR A 330 -12.88 1.40 1.39
CA THR A 330 -13.15 2.71 1.96
C THR A 330 -14.49 2.87 2.68
N ARG A 331 -15.48 2.05 2.32
CA ARG A 331 -16.86 2.23 2.79
C ARG A 331 -17.52 0.99 3.33
N THR A 332 -18.15 1.13 4.51
CA THR A 332 -18.92 0.05 5.10
C THR A 332 -19.99 -0.46 4.13
N SER A 333 -20.63 0.48 3.43
CA SER A 333 -21.70 0.18 2.51
C SER A 333 -21.27 -0.64 1.32
N LEU A 334 -19.97 -0.61 0.96
CA LEU A 334 -19.49 -1.44 -0.13
C LEU A 334 -19.48 -2.91 0.33
N TYR A 335 -18.94 -3.12 1.52
CA TYR A 335 -18.81 -4.50 2.04
C TYR A 335 -20.17 -5.09 2.48
N ALA A 336 -21.14 -4.19 2.69
CA ALA A 336 -22.50 -4.61 3.02
C ALA A 336 -23.36 -4.89 1.77
N ASN A 337 -22.81 -4.62 0.60
CA ASN A 337 -23.53 -4.67 -0.65
C ASN A 337 -23.49 -6.09 -1.19
N ALA A 338 -24.66 -6.68 -1.31
CA ALA A 338 -24.75 -8.07 -1.77
C ALA A 338 -24.15 -8.26 -3.16
N ASP A 339 -24.30 -7.27 -4.03
CA ASP A 339 -23.78 -7.38 -5.40
C ASP A 339 -22.26 -7.38 -5.42
N TYR A 340 -21.65 -6.62 -4.51
CA TYR A 340 -20.19 -6.62 -4.41
C TYR A 340 -19.71 -7.95 -3.84
N GLN A 341 -20.34 -8.42 -2.78
CA GLN A 341 -19.94 -9.69 -2.20
C GLN A 341 -20.01 -10.83 -3.22
N LYS A 342 -21.06 -10.88 -4.04
CA LYS A 342 -21.20 -11.93 -5.06
C LYS A 342 -20.08 -11.84 -6.11
N ALA A 343 -19.74 -10.61 -6.48
CA ALA A 343 -18.73 -10.36 -7.53
C ALA A 343 -17.28 -10.51 -7.10
N ALA A 344 -17.03 -10.28 -5.82
CA ALA A 344 -15.68 -10.17 -5.26
C ALA A 344 -15.47 -11.17 -4.10
N PRO A 345 -15.09 -12.41 -4.42
CA PRO A 345 -14.86 -13.37 -3.35
C PRO A 345 -13.78 -13.06 -2.33
N PHE A 346 -12.92 -12.12 -2.69
CA PHE A 346 -11.86 -11.61 -1.85
C PHE A 346 -12.30 -10.50 -0.90
N ALA A 347 -13.55 -10.04 -1.00
CA ALA A 347 -13.98 -8.89 -0.22
C ALA A 347 -13.90 -9.15 1.30
N LYS A 348 -14.46 -10.27 1.75
CA LYS A 348 -14.47 -10.56 3.19
C LYS A 348 -13.06 -10.53 3.82
N MET A 349 -12.14 -11.23 3.19
CA MET A 349 -10.76 -11.30 3.66
C MET A 349 -10.07 -9.93 3.59
N THR A 350 -10.37 -9.15 2.57
CA THR A 350 -9.88 -7.79 2.49
C THR A 350 -10.33 -6.96 3.70
N LEU A 351 -11.63 -6.92 3.94
CA LEU A 351 -12.12 -6.15 5.07
C LEU A 351 -11.60 -6.69 6.40
N ASP A 352 -11.58 -8.01 6.55
CA ASP A 352 -11.06 -8.62 7.77
C ASP A 352 -9.61 -8.17 8.02
N SER A 353 -8.84 -8.11 6.95
CA SER A 353 -7.44 -7.71 7.03
C SER A 353 -7.25 -6.21 7.29
N ILE A 354 -8.06 -5.37 6.66
CA ILE A 354 -8.05 -3.95 7.01
C ILE A 354 -8.36 -3.76 8.48
N ASN A 355 -9.35 -4.51 8.99
CA ASN A 355 -9.71 -4.39 10.41
C ASN A 355 -8.69 -4.96 11.40
N SER A 356 -7.99 -6.04 11.00
CA SER A 356 -7.01 -6.66 11.89
C SER A 356 -5.64 -5.96 11.87
N ALA A 357 -5.34 -5.19 10.81
CA ALA A 357 -4.09 -4.48 10.76
C ALA A 357 -4.00 -3.63 12.02
N ASP A 358 -2.81 -3.52 12.61
CA ASP A 358 -2.70 -2.89 13.92
C ASP A 358 -1.60 -1.87 13.93
N PRO A 359 -1.82 -0.74 13.25
CA PRO A 359 -0.80 0.29 13.31
C PRO A 359 -0.58 0.91 14.69
N LYS A 360 -1.56 0.79 15.57
CA LYS A 360 -1.40 1.29 16.93
C LYS A 360 -0.47 0.43 17.77
N HIS A 361 -0.51 -0.86 17.49
CA HIS A 361 0.33 -1.85 18.18
C HIS A 361 0.94 -2.82 17.16
N PRO A 362 1.94 -2.34 16.39
CA PRO A 362 2.37 -3.13 15.21
C PRO A 362 3.32 -4.30 15.50
N THR A 363 3.94 -4.26 16.68
CA THR A 363 5.11 -5.07 16.97
C THR A 363 4.95 -5.88 18.24
N VAL A 364 5.73 -6.95 18.34
CA VAL A 364 5.70 -7.83 19.49
C VAL A 364 6.17 -7.10 20.75
N LYS A 365 7.29 -6.39 20.63
CA LYS A 365 7.77 -5.54 21.72
C LYS A 365 7.19 -4.11 21.55
N PRO A 366 6.88 -3.42 22.65
CA PRO A 366 6.35 -2.07 22.58
C PRO A 366 7.27 -1.11 21.81
N VAL A 367 6.66 -0.17 21.09
CA VAL A 367 7.40 0.80 20.30
C VAL A 367 6.83 2.19 20.58
N PRO A 368 7.63 3.24 20.27
CA PRO A 368 7.17 4.62 20.49
C PRO A 368 6.45 5.24 19.29
N TYR A 369 6.30 4.45 18.23
CA TYR A 369 5.70 4.93 17.01
C TYR A 369 4.46 4.11 16.68
N GLU A 370 3.69 4.64 15.76
CA GLU A 370 2.61 3.92 15.12
C GLU A 370 2.93 3.66 13.65
N GLY A 371 2.25 2.67 13.09
CA GLY A 371 2.41 2.29 11.67
C GLY A 371 2.91 0.85 11.55
N VAL A 372 2.24 0.07 10.70
CA VAL A 372 2.66 -1.30 10.44
C VAL A 372 3.86 -1.35 9.51
N GLN A 373 3.70 -0.74 8.35
CA GLN A 373 4.70 -0.84 7.28
C GLN A 373 5.56 0.39 7.10
N TYR A 374 5.22 1.45 7.83
CA TYR A 374 5.96 2.66 7.91
C TYR A 374 6.09 3.05 9.38
N VAL A 375 6.98 4.01 9.67
CA VAL A 375 7.07 4.62 11.00
C VAL A 375 6.46 6.03 10.89
N ALA A 376 5.42 6.30 11.67
CA ALA A 376 4.66 7.55 11.54
C ALA A 376 5.39 8.75 12.16
N ILE A 377 6.49 9.15 11.52
CA ILE A 377 7.28 10.34 11.89
C ILE A 377 7.65 11.06 10.58
N PRO A 378 7.82 12.39 10.61
CA PRO A 378 8.11 13.12 9.38
C PRO A 378 9.42 12.71 8.72
N GLU A 379 10.36 12.21 9.51
CA GLU A 379 11.68 11.87 8.96
C GLU A 379 11.67 10.55 8.17
N PHE A 380 10.54 9.85 8.17
CA PHE A 380 10.52 8.52 7.59
C PHE A 380 10.76 8.48 6.06
N GLN A 381 10.33 9.46 5.32
CA GLN A 381 10.53 9.41 3.87
C GLN A 381 12.01 9.30 3.56
N GLY A 382 12.82 10.18 4.16
CA GLY A 382 14.23 10.18 3.89
C GLY A 382 14.95 8.99 4.44
N ILE A 383 14.64 8.64 5.69
CA ILE A 383 15.26 7.47 6.31
C ILE A 383 14.89 6.16 5.55
N GLY A 384 13.60 6.00 5.28
CA GLY A 384 13.13 4.80 4.61
C GLY A 384 13.71 4.67 3.22
N THR A 385 13.89 5.78 2.53
CA THR A 385 14.48 5.76 1.19
C THR A 385 15.91 5.24 1.26
N ALA A 386 16.68 5.76 2.21
CA ALA A 386 18.08 5.38 2.35
C ALA A 386 18.22 3.90 2.78
N VAL A 387 17.39 3.48 3.74
CA VAL A 387 17.40 2.08 4.17
C VAL A 387 16.91 1.18 3.00
N GLY A 388 15.90 1.62 2.26
CA GLY A 388 15.40 0.87 1.08
C GLY A 388 16.52 0.60 0.06
N GLN A 389 17.42 1.58 -0.11
CA GLN A 389 18.55 1.43 -1.05
C GLN A 389 19.51 0.34 -0.54
N GLN A 390 19.74 0.31 0.76
CA GLN A 390 20.62 -0.72 1.34
C GLN A 390 20.03 -2.10 1.16
N PHE A 391 18.73 -2.21 1.43
CA PHE A 391 18.11 -3.53 1.40
C PHE A 391 17.96 -4.05 -0.02
N SER A 392 17.72 -3.15 -0.96
CA SER A 392 17.68 -3.53 -2.37
C SER A 392 19.06 -4.02 -2.87
N ALA A 393 20.11 -3.37 -2.38
CA ALA A 393 21.47 -3.78 -2.69
C ALA A 393 21.76 -5.17 -2.14
N ALA A 394 21.26 -5.45 -0.95
CA ALA A 394 21.43 -6.78 -0.37
C ALA A 394 20.69 -7.85 -1.22
N LEU A 395 19.49 -7.52 -1.63
CA LEU A 395 18.72 -8.41 -2.49
C LEU A 395 19.47 -8.73 -3.80
N ALA A 396 20.06 -7.69 -4.37
CA ALA A 396 20.83 -7.78 -5.63
C ALA A 396 22.21 -8.45 -5.47
N GLY A 397 22.64 -8.74 -4.23
CA GLY A 397 23.94 -9.37 -4.02
C GLY A 397 25.10 -8.39 -4.19
N GLN A 398 24.80 -7.10 -4.08
CA GLN A 398 25.83 -6.04 -4.15
C GLN A 398 26.52 -5.75 -2.81
N THR A 399 25.84 -6.05 -1.72
CA THR A 399 26.35 -5.98 -0.36
C THR A 399 25.80 -7.18 0.42
N THR A 400 26.50 -7.57 1.48
CA THR A 400 25.97 -8.64 2.35
C THR A 400 24.74 -8.15 3.12
N VAL A 401 23.91 -9.10 3.52
CA VAL A 401 22.82 -8.83 4.47
C VAL A 401 23.35 -8.10 5.73
N ASP A 402 24.39 -8.65 6.33
CA ASP A 402 24.96 -8.03 7.54
C ASP A 402 25.43 -6.59 7.30
N GLN A 403 26.08 -6.35 6.16
CA GLN A 403 26.57 -4.99 5.85
C GLN A 403 25.41 -4.01 5.63
N ALA A 404 24.38 -4.47 4.89
CA ALA A 404 23.19 -3.67 4.69
C ALA A 404 22.54 -3.27 6.04
N LEU A 405 22.49 -4.19 6.98
CA LEU A 405 21.92 -3.90 8.31
C LEU A 405 22.82 -2.91 9.12
N LYS A 406 24.13 -3.09 9.01
CA LYS A 406 25.12 -2.20 9.69
C LYS A 406 24.99 -0.77 9.18
N THR A 407 24.86 -0.65 7.86
CA THR A 407 24.72 0.66 7.26
C THR A 407 23.36 1.29 7.57
N ALA A 408 22.30 0.50 7.51
CA ALA A 408 20.97 0.96 7.91
C ALA A 408 21.00 1.46 9.35
N GLN A 409 21.69 0.74 10.21
CA GLN A 409 21.76 1.12 11.63
C GLN A 409 22.47 2.46 11.76
N THR A 410 23.63 2.58 11.12
CA THR A 410 24.42 3.80 11.21
C THR A 410 23.70 5.03 10.65
N LEU A 411 23.11 4.88 9.47
CA LEU A 411 22.46 6.03 8.84
C LEU A 411 21.21 6.44 9.60
N THR A 412 20.48 5.46 10.12
CA THR A 412 19.28 5.75 10.89
C THR A 412 19.64 6.46 12.21
N GLU A 413 20.65 5.96 12.91
CA GLU A 413 21.15 6.67 14.10
C GLU A 413 21.49 8.11 13.79
N ARG A 414 22.24 8.31 12.70
CA ARG A 414 22.71 9.62 12.32
C ARG A 414 21.55 10.59 12.10
N GLU A 415 20.56 10.11 11.34
CA GLU A 415 19.47 10.96 10.93
C GLU A 415 18.55 11.27 12.10
N MET A 416 18.37 10.30 13.00
CA MET A 416 17.49 10.45 14.14
C MET A 416 18.10 11.40 15.19
N LYS A 417 19.42 11.33 15.34
CA LYS A 417 20.12 12.19 16.27
C LYS A 417 20.01 13.61 15.72
N LYS A 418 20.21 13.73 14.41
CA LYS A 418 20.10 15.03 13.73
C LYS A 418 18.74 15.68 13.93
N ALA A 419 17.69 14.86 13.84
CA ALA A 419 16.31 15.31 14.07
C ALA A 419 15.94 15.50 15.54
N GLY A 420 16.81 15.10 16.46
CA GLY A 420 16.62 15.35 17.91
C GLY A 420 15.98 14.27 18.77
N TYR A 421 15.94 13.04 18.27
CA TYR A 421 15.33 11.96 19.06
C TYR A 421 16.40 11.34 19.93
N PRO A 422 16.04 10.85 21.12
CA PRO A 422 14.71 10.94 21.76
C PRO A 422 14.44 12.33 22.34
N LYS A 423 13.17 12.75 22.38
CA LYS A 423 12.83 14.11 22.84
C LYS A 423 12.35 14.13 24.29
#